data_4U68
#
_entry.id   4U68
#
_cell.length_a   50.946
_cell.length_b   67.679
_cell.length_c   79.750
_cell.angle_alpha   90.00
_cell.angle_beta   106.46
_cell.angle_gamma   90.00
#
_symmetry.space_group_name_H-M   'C 1 2 1'
#
loop_
_entity.id
_entity.type
_entity.pdbx_description
1 polymer Rhino
2 polymer H3K9me3
3 water water
#
loop_
_entity_poly.entity_id
_entity_poly.type
_entity_poly.pdbx_seq_one_letter_code
_entity_poly.pdbx_strand_id
1 'polypeptide(L)' GPGSHVEEYVVEKILGKRFVNGRPQVLVKWSGFPNENNTWEPLENVGNCMKLVSDFESEVFRLHRKAAAKSVGKS A,B,C
2 'polypeptide(L)' KQTAR(M3L)STGGK D,E,F
#
# COMPACT_ATOMS: atom_id res chain seq x y z
N GLU A 8 31.19 -11.74 7.88
CA GLU A 8 29.90 -12.40 8.14
C GLU A 8 28.93 -11.52 8.91
N TYR A 9 27.70 -11.41 8.41
CA TYR A 9 26.72 -10.49 8.96
C TYR A 9 25.46 -11.21 9.44
N VAL A 10 24.74 -10.60 10.39
CA VAL A 10 23.49 -11.16 10.85
C VAL A 10 22.43 -11.04 9.75
N VAL A 11 21.70 -12.11 9.52
CA VAL A 11 20.67 -12.13 8.49
C VAL A 11 19.30 -11.97 9.12
N GLU A 12 18.44 -11.14 8.53
CA GLU A 12 17.09 -10.93 9.07
C GLU A 12 16.09 -11.88 8.43
N LYS A 13 16.24 -12.08 7.12
CA LYS A 13 15.25 -12.83 6.37
C LYS A 13 15.83 -13.28 5.03
N ILE A 14 15.27 -14.36 4.50
CA ILE A 14 15.58 -14.79 3.12
C ILE A 14 14.37 -14.47 2.27
N LEU A 15 14.59 -13.81 1.13
CA LEU A 15 13.48 -13.25 0.36
C LEU A 15 13.25 -13.82 -1.05
N GLY A 16 14.16 -14.67 -1.51
CA GLY A 16 14.07 -15.14 -2.88
C GLY A 16 15.08 -16.21 -3.15
N LYS A 17 14.91 -16.91 -4.26
CA LYS A 17 15.83 -17.96 -4.66
C LYS A 17 15.95 -17.96 -6.17
N ARG A 18 17.14 -18.22 -6.67
CA ARG A 18 17.34 -18.26 -8.11
C ARG A 18 18.50 -19.18 -8.41
N PHE A 19 18.65 -19.52 -9.69
CA PHE A 19 19.85 -20.24 -10.12
C PHE A 19 20.67 -19.39 -11.05
N VAL A 20 21.97 -19.40 -10.85
CA VAL A 20 22.89 -18.68 -11.72
C VAL A 20 23.90 -19.68 -12.27
N ASN A 21 23.88 -19.83 -13.59
CA ASN A 21 24.68 -20.88 -14.23
C ASN A 21 24.44 -22.25 -13.62
N GLY A 22 23.19 -22.50 -13.24
CA GLY A 22 22.79 -23.79 -12.71
C GLY A 22 23.01 -23.96 -11.21
N ARG A 23 23.54 -22.94 -10.54
CA ARG A 23 23.85 -23.05 -9.11
C ARG A 23 22.94 -22.16 -8.26
N PRO A 24 22.44 -22.69 -7.12
CA PRO A 24 21.44 -21.94 -6.36
C PRO A 24 21.99 -20.75 -5.58
N GLN A 25 21.21 -19.67 -5.55
CA GLN A 25 21.50 -18.50 -4.74
C GLN A 25 20.25 -18.07 -4.00
N VAL A 26 20.42 -17.32 -2.91
CA VAL A 26 19.26 -16.80 -2.19
C VAL A 26 19.42 -15.29 -1.96
N LEU A 27 18.29 -14.61 -1.85
CA LEU A 27 18.27 -13.17 -1.69
C LEU A 27 18.19 -12.84 -0.21
N VAL A 28 19.20 -12.14 0.30
CA VAL A 28 19.39 -11.96 1.72
C VAL A 28 19.05 -10.53 2.15
N LYS A 29 18.18 -10.43 3.15
CA LYS A 29 17.93 -9.16 3.84
C LYS A 29 18.82 -9.16 5.05
N TRP A 30 19.76 -8.21 5.10
CA TRP A 30 20.71 -8.15 6.21
C TRP A 30 20.14 -7.36 7.40
N SER A 31 20.33 -7.89 8.61
CA SER A 31 19.85 -7.22 9.81
C SER A 31 20.58 -5.90 10.00
N GLY A 32 19.83 -4.82 10.20
CA GLY A 32 20.41 -3.51 10.42
C GLY A 32 20.66 -2.73 9.14
N PHE A 33 20.39 -3.36 8.01
CA PHE A 33 20.51 -2.72 6.70
C PHE A 33 19.14 -2.61 6.06
N PRO A 34 18.89 -1.54 5.30
CA PRO A 34 17.63 -1.43 4.59
C PRO A 34 17.57 -2.41 3.43
N ASN A 35 16.37 -2.66 2.91
CA ASN A 35 16.19 -3.57 1.78
C ASN A 35 16.95 -3.17 0.53
N GLU A 36 17.24 -1.87 0.41
CA GLU A 36 18.03 -1.37 -0.71
C GLU A 36 19.36 -2.12 -0.84
N ASN A 37 19.84 -2.64 0.28
CA ASN A 37 21.13 -3.32 0.27
C ASN A 37 21.04 -4.84 0.32
N ASN A 38 19.88 -5.39 -0.04
CA ASN A 38 19.72 -6.83 -0.18
C ASN A 38 20.67 -7.38 -1.25
N THR A 39 21.27 -8.55 -1.01
CA THR A 39 22.19 -9.12 -1.97
C THR A 39 21.87 -10.57 -2.26
N TRP A 40 22.15 -11.01 -3.49
CA TRP A 40 22.08 -12.44 -3.85
C TRP A 40 23.36 -13.13 -3.39
N GLU A 41 23.22 -14.25 -2.68
CA GLU A 41 24.37 -14.98 -2.17
C GLU A 41 24.28 -16.43 -2.55
N PRO A 42 25.44 -17.06 -2.85
CA PRO A 42 25.45 -18.50 -3.10
C PRO A 42 24.94 -19.27 -1.90
N LEU A 43 24.17 -20.31 -2.15
CA LEU A 43 23.61 -21.12 -1.09
C LEU A 43 24.74 -21.65 -0.20
N GLU A 44 25.92 -21.77 -0.79
CA GLU A 44 27.10 -22.21 -0.02
C GLU A 44 27.46 -21.23 1.09
N ASN A 45 26.98 -19.98 0.98
CA ASN A 45 27.31 -18.94 1.94
C ASN A 45 26.38 -18.87 3.17
N VAL A 46 25.26 -19.59 3.14
CA VAL A 46 24.24 -19.31 4.15
C VAL A 46 24.01 -20.47 5.15
N GLY A 47 25.03 -21.29 5.35
CA GLY A 47 24.96 -22.38 6.29
C GLY A 47 24.62 -21.98 7.73
N ASN A 48 24.93 -20.76 8.10
CA ASN A 48 24.68 -20.32 9.48
C ASN A 48 23.34 -19.61 9.69
N CYS A 49 22.47 -19.64 8.66
CA CYS A 49 21.11 -19.10 8.81
C CYS A 49 20.08 -20.05 8.19
N MET A 50 20.20 -21.33 8.47
CA MET A 50 19.32 -22.31 7.84
C MET A 50 17.93 -22.29 8.45
N LYS A 51 17.77 -21.71 9.63
CA LYS A 51 16.43 -21.55 10.13
C LYS A 51 15.68 -20.55 9.22
N LEU A 52 16.34 -19.48 8.82
CA LEU A 52 15.70 -18.49 7.92
C LEU A 52 15.53 -19.07 6.52
N VAL A 53 16.48 -19.90 6.12
CA VAL A 53 16.35 -20.53 4.79
C VAL A 53 15.18 -21.51 4.80
N SER A 54 15.06 -22.29 5.87
CA SER A 54 13.92 -23.18 6.01
C SER A 54 12.59 -22.43 6.02
N ASP A 55 12.56 -21.28 6.70
CA ASP A 55 11.35 -20.44 6.69
C ASP A 55 10.98 -20.04 5.28
N PHE A 56 11.98 -19.66 4.50
CA PHE A 56 11.73 -19.24 3.11
C PHE A 56 11.23 -20.41 2.26
N GLU A 57 11.91 -21.55 2.36
CA GLU A 57 11.49 -22.76 1.65
C GLU A 57 10.05 -23.14 1.99
N SER A 58 9.67 -22.98 3.25
CA SER A 58 8.32 -23.32 3.69
C SER A 58 7.30 -22.41 3.00
N GLU A 59 7.65 -21.14 2.86
CA GLU A 59 6.76 -20.19 2.23
C GLU A 59 6.60 -20.48 0.74
N VAL A 60 7.70 -20.80 0.06
CA VAL A 60 7.66 -21.15 -1.36
C VAL A 60 6.73 -22.34 -1.59
N PHE A 61 6.89 -23.37 -0.76
CA PHE A 61 6.08 -24.57 -0.90
C PHE A 61 4.60 -24.21 -0.74
N ARG A 62 4.32 -23.32 0.19
CA ARG A 62 2.96 -22.90 0.46
C ARG A 62 2.36 -22.23 -0.78
N LEU A 63 3.17 -21.43 -1.46
CA LEU A 63 2.70 -20.74 -2.65
C LEU A 63 2.59 -21.70 -3.85
N HIS A 64 3.51 -22.66 -3.93
CA HIS A 64 3.41 -23.67 -4.98
C HIS A 64 2.14 -24.49 -4.83
N ARG A 65 1.77 -24.80 -3.59
CA ARG A 65 0.53 -25.51 -3.32
C ARG A 65 -0.67 -24.68 -3.74
N LYS A 66 -0.56 -23.36 -3.63
CA LYS A 66 -1.67 -22.48 -4.01
C LYS A 66 -1.82 -22.44 -5.51
N ALA A 67 -0.70 -22.34 -6.21
CA ALA A 67 -0.70 -22.35 -7.67
C ALA A 67 -1.28 -23.65 -8.19
N ALA A 68 -1.04 -24.73 -7.45
CA ALA A 68 -1.58 -26.04 -7.80
C ALA A 68 -3.09 -26.05 -7.63
N ALA A 69 -3.55 -25.55 -6.48
CA ALA A 69 -4.97 -25.51 -6.18
C ALA A 69 -5.75 -24.73 -7.23
N LYS A 70 -5.22 -23.59 -7.65
CA LYS A 70 -5.91 -22.72 -8.60
C LYS A 70 -5.92 -23.32 -10.00
N SER A 71 -4.97 -24.21 -10.29
CA SER A 71 -4.94 -24.86 -11.59
C SER A 71 -6.07 -25.88 -11.71
N GLU B 7 -1.39 -6.70 -8.68
CA GLU B 7 -1.68 -7.35 -7.42
C GLU B 7 -1.67 -6.34 -6.29
N GLU B 8 -2.39 -6.63 -5.22
CA GLU B 8 -2.46 -5.72 -4.08
C GLU B 8 -2.10 -6.46 -2.80
N TYR B 9 -1.64 -5.71 -1.80
CA TYR B 9 -1.23 -6.24 -0.51
C TYR B 9 -2.13 -5.69 0.58
N VAL B 10 -2.30 -6.45 1.65
CA VAL B 10 -3.14 -6.01 2.75
C VAL B 10 -2.47 -4.85 3.49
N VAL B 11 -3.27 -3.82 3.78
CA VAL B 11 -2.82 -2.63 4.47
C VAL B 11 -3.25 -2.68 5.92
N GLU B 12 -2.34 -2.28 6.82
CA GLU B 12 -2.65 -2.27 8.25
C GLU B 12 -3.06 -0.91 8.76
N LYS B 13 -2.41 0.14 8.27
CA LYS B 13 -2.67 1.48 8.76
C LYS B 13 -2.12 2.52 7.80
N ILE B 14 -2.75 3.69 7.76
CA ILE B 14 -2.20 4.83 7.04
C ILE B 14 -1.58 5.78 8.04
N LEU B 15 -0.33 6.17 7.77
CA LEU B 15 0.49 6.85 8.76
C LEU B 15 0.81 8.30 8.44
N GLY B 16 0.54 8.73 7.21
CA GLY B 16 0.88 10.10 6.87
C GLY B 16 0.39 10.51 5.50
N LYS B 17 0.55 11.78 5.20
CA LYS B 17 0.15 12.29 3.90
C LYS B 17 1.11 13.35 3.45
N ARG B 18 1.38 13.38 2.15
CA ARG B 18 2.22 14.42 1.60
C ARG B 18 1.81 14.67 0.15
N PHE B 19 2.34 15.74 -0.43
CA PHE B 19 2.21 15.96 -1.86
C PHE B 19 3.56 15.90 -2.53
N VAL B 20 3.60 15.27 -3.69
CA VAL B 20 4.82 15.19 -4.49
C VAL B 20 4.52 15.74 -5.86
N ASN B 21 5.25 16.78 -6.24
CA ASN B 21 4.97 17.51 -7.49
C ASN B 21 3.49 17.83 -7.62
N GLY B 22 2.88 18.22 -6.49
CA GLY B 22 1.49 18.62 -6.44
C GLY B 22 0.46 17.50 -6.30
N ARG B 23 0.91 16.24 -6.30
CA ARG B 23 -0.01 15.10 -6.26
C ARG B 23 0.04 14.39 -4.90
N PRO B 24 -1.14 14.01 -4.37
CA PRO B 24 -1.22 13.48 -3.01
C PRO B 24 -0.69 12.05 -2.90
N GLN B 25 -0.01 11.79 -1.79
CA GLN B 25 0.47 10.45 -1.44
C GLN B 25 0.20 10.17 0.04
N VAL B 26 0.11 8.89 0.37
CA VAL B 26 -0.06 8.47 1.75
C VAL B 26 1.01 7.44 2.13
N LEU B 27 1.35 7.44 3.42
CA LEU B 27 2.35 6.52 3.95
C LEU B 27 1.65 5.27 4.43
N VAL B 28 2.02 4.13 3.85
CA VAL B 28 1.33 2.88 4.08
C VAL B 28 2.15 1.98 4.99
N LYS B 29 1.51 1.52 6.06
CA LYS B 29 2.02 0.44 6.89
C LYS B 29 1.38 -0.85 6.39
N TRP B 30 2.19 -1.73 5.83
CA TRP B 30 1.70 -2.99 5.26
C TRP B 30 1.48 -4.06 6.33
N SER B 31 0.39 -4.81 6.19
CA SER B 31 0.10 -5.91 7.08
C SER B 31 1.12 -7.03 6.90
N GLY B 32 1.68 -7.52 8.00
CA GLY B 32 2.67 -8.58 7.91
C GLY B 32 4.07 -8.12 7.57
N PHE B 33 4.29 -6.80 7.65
CA PHE B 33 5.59 -6.20 7.34
C PHE B 33 5.93 -5.11 8.36
N PRO B 34 7.18 -5.08 8.84
CA PRO B 34 7.56 -4.08 9.84
C PRO B 34 7.65 -2.68 9.22
N ASN B 35 7.83 -1.66 10.04
CA ASN B 35 7.83 -0.28 9.55
C ASN B 35 8.91 0.06 8.53
N GLU B 36 10.02 -0.69 8.50
CA GLU B 36 11.07 -0.40 7.54
C GLU B 36 10.59 -0.65 6.11
N ASN B 37 9.48 -1.37 5.99
CA ASN B 37 8.88 -1.63 4.68
C ASN B 37 7.81 -0.61 4.31
N ASN B 38 7.56 0.36 5.19
CA ASN B 38 6.53 1.38 4.92
C ASN B 38 6.85 2.13 3.62
N THR B 39 5.82 2.46 2.84
CA THR B 39 6.08 3.13 1.57
C THR B 39 5.11 4.27 1.35
N TRP B 40 5.59 5.30 0.66
CA TRP B 40 4.71 6.36 0.17
C TRP B 40 4.05 5.88 -1.10
N GLU B 41 2.73 6.00 -1.15
CA GLU B 41 1.96 5.51 -2.29
C GLU B 41 1.06 6.61 -2.82
N PRO B 42 0.99 6.74 -4.14
CA PRO B 42 0.04 7.72 -4.69
C PRO B 42 -1.38 7.35 -4.26
N LEU B 43 -2.18 8.37 -4.03
CA LEU B 43 -3.55 8.18 -3.61
C LEU B 43 -4.30 7.29 -4.63
N GLU B 44 -3.93 7.42 -5.91
CA GLU B 44 -4.45 6.51 -6.93
C GLU B 44 -4.24 5.01 -6.64
N ASN B 45 -3.33 4.69 -5.72
CA ASN B 45 -3.03 3.30 -5.37
C ASN B 45 -3.89 2.70 -4.26
N VAL B 46 -4.60 3.54 -3.51
CA VAL B 46 -5.15 3.08 -2.24
C VAL B 46 -6.68 3.05 -2.21
N GLY B 47 -7.28 2.97 -3.40
CA GLY B 47 -8.72 2.85 -3.52
C GLY B 47 -9.32 1.73 -2.69
N ASN B 48 -8.60 0.62 -2.54
CA ASN B 48 -9.17 -0.51 -1.82
C ASN B 48 -8.87 -0.53 -0.32
N CYS B 49 -8.34 0.58 0.21
CA CYS B 49 -8.27 0.71 1.66
C CYS B 49 -8.78 2.06 2.18
N MET B 50 -9.91 2.52 1.63
CA MET B 50 -10.36 3.87 1.97
C MET B 50 -10.87 3.96 3.41
N LYS B 51 -11.22 2.81 3.99
CA LYS B 51 -11.59 2.79 5.40
C LYS B 51 -10.40 3.28 6.26
N LEU B 52 -9.22 2.75 5.98
CA LEU B 52 -8.02 3.12 6.72
C LEU B 52 -7.55 4.53 6.37
N VAL B 53 -7.80 4.96 5.14
CA VAL B 53 -7.47 6.29 4.72
C VAL B 53 -8.38 7.27 5.48
N SER B 54 -9.66 6.91 5.55
CA SER B 54 -10.63 7.72 6.31
C SER B 54 -10.23 7.82 7.78
N ASP B 55 -9.78 6.70 8.37
CA ASP B 55 -9.30 6.69 9.75
C ASP B 55 -8.19 7.72 9.94
N PHE B 56 -7.24 7.73 9.01
CA PHE B 56 -6.12 8.67 9.09
C PHE B 56 -6.60 10.11 9.03
N GLU B 57 -7.34 10.43 7.98
CA GLU B 57 -7.89 11.76 7.76
C GLU B 57 -8.69 12.22 8.97
N SER B 58 -9.45 11.29 9.56
CA SER B 58 -10.21 11.60 10.78
C SER B 58 -9.25 12.01 11.92
N GLU B 59 -8.21 11.22 12.12
CA GLU B 59 -7.21 11.53 13.16
C GLU B 59 -6.57 12.90 12.93
N VAL B 60 -6.25 13.19 11.67
CA VAL B 60 -5.62 14.46 11.30
C VAL B 60 -6.55 15.63 11.56
N PHE B 61 -7.78 15.51 11.08
CA PHE B 61 -8.78 16.56 11.30
C PHE B 61 -8.96 16.74 12.79
N ARG B 62 -8.83 15.65 13.53
CA ARG B 62 -8.97 15.72 14.97
C ARG B 62 -7.97 16.66 15.65
N LEU B 63 -6.74 16.69 15.18
CA LEU B 63 -5.75 17.52 15.84
C LEU B 63 -5.61 18.91 15.22
N HIS B 64 -5.94 19.06 13.95
CA HIS B 64 -6.07 20.41 13.44
C HIS B 64 -6.95 21.40 14.34
N ARG B 65 -7.93 20.93 15.18
CA ARG B 65 -8.89 21.75 16.07
C ARG B 65 -8.09 22.25 17.28
N LYS B 66 -7.15 21.38 17.63
CA LYS B 66 -6.49 21.37 18.89
C LYS B 66 -7.53 20.72 19.77
N GLU C 7 -23.54 -1.97 -7.67
CA GLU C 7 -23.83 -1.11 -8.81
C GLU C 7 -23.32 0.31 -8.58
N GLU C 8 -22.16 0.64 -9.13
CA GLU C 8 -21.63 1.99 -8.95
C GLU C 8 -21.94 2.86 -10.17
N TYR C 9 -21.77 4.17 -10.02
CA TYR C 9 -22.07 5.11 -11.09
C TYR C 9 -20.81 5.85 -11.50
N VAL C 10 -20.71 6.22 -12.78
CA VAL C 10 -19.56 6.97 -13.24
C VAL C 10 -19.51 8.36 -12.62
N VAL C 11 -18.33 8.71 -12.16
CA VAL C 11 -18.07 9.99 -11.52
C VAL C 11 -17.43 10.95 -12.52
N GLU C 12 -17.94 12.17 -12.56
CA GLU C 12 -17.38 13.18 -13.44
C GLU C 12 -16.31 14.04 -12.76
N LYS C 13 -16.57 14.45 -11.52
CA LYS C 13 -15.67 15.34 -10.79
C LYS C 13 -15.91 15.27 -9.29
N ILE C 14 -14.87 15.55 -8.51
CA ILE C 14 -15.02 15.73 -7.07
C ILE C 14 -14.96 17.22 -6.79
N LEU C 15 -15.97 17.75 -6.09
CA LEU C 15 -16.18 19.19 -5.99
C LEU C 15 -15.90 19.78 -4.62
N GLY C 16 -15.71 18.94 -3.60
CA GLY C 16 -15.57 19.46 -2.26
C GLY C 16 -15.34 18.38 -1.23
N LYS C 17 -15.01 18.80 -0.02
CA LYS C 17 -14.78 17.86 1.04
C LYS C 17 -15.28 18.45 2.34
N ARG C 18 -15.78 17.59 3.22
CA ARG C 18 -16.26 18.04 4.52
C ARG C 18 -16.05 16.92 5.53
N PHE C 19 -16.20 17.25 6.81
CA PHE C 19 -16.21 16.22 7.83
C PHE C 19 -17.57 16.15 8.49
N VAL C 20 -18.07 14.93 8.68
CA VAL C 20 -19.35 14.68 9.35
C VAL C 20 -19.06 13.80 10.56
N ASN C 21 -19.32 14.33 11.75
CA ASN C 21 -19.01 13.62 12.99
C ASN C 21 -17.55 13.14 13.01
N GLY C 22 -16.66 13.97 12.47
CA GLY C 22 -15.24 13.70 12.50
C GLY C 22 -14.71 12.88 11.32
N ARG C 23 -15.61 12.43 10.44
CA ARG C 23 -15.23 11.56 9.30
C ARG C 23 -15.33 12.29 7.97
N PRO C 24 -14.37 12.02 7.07
CA PRO C 24 -14.37 12.76 5.81
C PRO C 24 -15.41 12.26 4.80
N GLN C 25 -15.92 13.19 4.02
CA GLN C 25 -16.83 12.91 2.90
C GLN C 25 -16.44 13.82 1.75
N VAL C 26 -16.78 13.41 0.53
CA VAL C 26 -16.49 14.25 -0.63
C VAL C 26 -17.77 14.48 -1.43
N LEU C 27 -17.82 15.60 -2.12
CA LEU C 27 -19.00 15.97 -2.88
C LEU C 27 -18.84 15.51 -4.32
N VAL C 28 -19.72 14.61 -4.76
CA VAL C 28 -19.57 13.94 -6.04
C VAL C 28 -20.47 14.55 -7.14
N LYS C 29 -19.86 14.96 -8.24
CA LYS C 29 -20.60 15.29 -9.45
C LYS C 29 -20.65 14.05 -10.33
N TRP C 30 -21.86 13.55 -10.59
CA TRP C 30 -22.02 12.29 -11.31
C TRP C 30 -22.06 12.55 -12.80
N SER C 31 -21.40 11.69 -13.56
CA SER C 31 -21.41 11.77 -15.02
C SER C 31 -22.83 11.56 -15.56
N GLY C 32 -23.30 12.49 -16.38
CA GLY C 32 -24.62 12.35 -16.96
C GLY C 32 -25.73 12.79 -16.04
N PHE C 33 -25.37 13.43 -14.93
CA PHE C 33 -26.35 13.99 -14.01
C PHE C 33 -25.97 15.43 -13.68
N PRO C 34 -26.94 16.35 -13.74
CA PRO C 34 -26.64 17.75 -13.43
C PRO C 34 -26.36 17.96 -11.94
N ASN C 35 -25.88 19.16 -11.60
CA ASN C 35 -25.47 19.50 -10.25
C ASN C 35 -26.50 19.26 -9.16
N GLU C 36 -27.78 19.25 -9.53
CA GLU C 36 -28.83 19.05 -8.53
C GLU C 36 -28.83 17.61 -8.04
N ASN C 37 -28.15 16.72 -8.76
CA ASN C 37 -28.05 15.34 -8.31
C ASN C 37 -26.73 15.03 -7.59
N ASN C 38 -25.94 16.05 -7.30
CA ASN C 38 -24.67 15.85 -6.59
C ASN C 38 -24.94 15.28 -5.20
N THR C 39 -24.08 14.36 -4.77
CA THR C 39 -24.26 13.81 -3.43
C THR C 39 -22.95 13.89 -2.64
N TRP C 40 -23.07 14.03 -1.31
CA TRP C 40 -21.94 13.87 -0.42
C TRP C 40 -21.75 12.38 -0.13
N GLU C 41 -20.52 11.90 -0.29
CA GLU C 41 -20.26 10.47 -0.14
C GLU C 41 -19.14 10.27 0.86
N PRO C 42 -19.30 9.29 1.75
CA PRO C 42 -18.19 8.94 2.65
C PRO C 42 -16.99 8.44 1.83
N LEU C 43 -15.76 8.65 2.28
CA LEU C 43 -14.61 8.18 1.51
C LEU C 43 -14.66 6.71 1.17
N GLU C 44 -15.30 5.94 2.04
CA GLU C 44 -15.48 4.52 1.84
C GLU C 44 -16.21 4.16 0.54
N ASN C 45 -16.94 5.13 -0.03
CA ASN C 45 -17.69 4.91 -1.25
C ASN C 45 -16.93 5.24 -2.56
N VAL C 46 -15.80 5.91 -2.47
CA VAL C 46 -15.16 6.47 -3.68
C VAL C 46 -13.80 5.85 -4.03
N GLY C 47 -13.58 4.64 -3.53
CA GLY C 47 -12.37 3.89 -3.85
C GLY C 47 -12.14 3.65 -5.33
N ASN C 48 -13.19 3.64 -6.15
CA ASN C 48 -12.99 3.40 -7.57
C ASN C 48 -12.94 4.69 -8.40
N CYS C 49 -12.81 5.83 -7.73
CA CYS C 49 -12.55 7.06 -8.47
C CYS C 49 -11.43 7.87 -7.84
N MET C 50 -10.34 7.20 -7.48
CA MET C 50 -9.31 7.89 -6.73
C MET C 50 -8.49 8.82 -7.59
N LYS C 51 -8.50 8.66 -8.90
CA LYS C 51 -7.83 9.68 -9.72
C LYS C 51 -8.55 11.04 -9.59
N LEU C 52 -9.88 11.04 -9.63
CA LEU C 52 -10.62 12.29 -9.53
C LEU C 52 -10.53 12.83 -8.10
N VAL C 53 -10.49 11.93 -7.11
CA VAL C 53 -10.28 12.39 -5.73
C VAL C 53 -8.89 13.03 -5.63
N SER C 54 -7.88 12.41 -6.24
CA SER C 54 -6.54 12.99 -6.23
C SER C 54 -6.48 14.35 -6.93
N ASP C 55 -7.15 14.46 -8.08
CA ASP C 55 -7.25 15.75 -8.77
C ASP C 55 -7.81 16.82 -7.83
N PHE C 56 -8.86 16.46 -7.10
CA PHE C 56 -9.46 17.41 -6.17
C PHE C 56 -8.46 17.80 -5.08
N GLU C 57 -7.90 16.82 -4.39
CA GLU C 57 -6.89 17.11 -3.36
C GLU C 57 -5.75 17.96 -3.91
N SER C 58 -5.33 17.70 -5.15
CA SER C 58 -4.25 18.49 -5.75
C SER C 58 -4.66 19.95 -5.94
N GLU C 59 -5.90 20.14 -6.39
CA GLU C 59 -6.40 21.50 -6.60
C GLU C 59 -6.53 22.26 -5.28
N VAL C 60 -7.03 21.60 -4.24
CA VAL C 60 -7.20 22.32 -2.97
C VAL C 60 -5.84 22.61 -2.34
N PHE C 61 -4.83 21.77 -2.58
CA PHE C 61 -3.48 22.08 -2.11
C PHE C 61 -2.93 23.28 -2.88
N ARG C 62 -3.18 23.29 -4.20
CA ARG C 62 -2.70 24.36 -5.05
C ARG C 62 -3.30 25.69 -4.67
N LEU C 63 -4.63 25.73 -4.56
CA LEU C 63 -5.34 26.94 -4.19
C LEU C 63 -5.07 27.33 -2.73
N HIS C 64 -4.60 26.38 -1.93
CA HIS C 64 -4.21 26.68 -0.56
C HIS C 64 -2.83 27.32 -0.52
N LYS D 1 22.15 -17.30 16.65
CA LYS D 1 22.13 -16.19 15.70
C LYS D 1 22.16 -16.72 14.27
N GLN D 2 21.39 -16.07 13.42
CA GLN D 2 21.37 -16.42 12.01
C GLN D 2 22.32 -15.48 11.29
N THR D 3 23.36 -16.03 10.68
CA THR D 3 24.34 -15.22 9.97
C THR D 3 24.70 -15.82 8.62
N ALA D 4 25.36 -15.02 7.78
CA ALA D 4 25.79 -15.51 6.48
C ALA D 4 27.00 -14.73 6.01
N ARG D 5 27.75 -15.34 5.09
CA ARG D 5 28.87 -14.64 4.47
C ARG D 5 28.36 -13.79 3.31
N SER D 7 29.06 -11.90 -0.22
CA SER D 7 29.97 -12.00 -1.36
C SER D 7 30.08 -10.67 -2.10
N LYS E 1 -11.39 -6.95 2.39
CA LYS E 1 -10.09 -6.65 2.99
C LYS E 1 -9.62 -5.26 2.57
N GLN E 2 -8.82 -4.64 3.44
CA GLN E 2 -8.18 -3.38 3.13
C GLN E 2 -6.87 -3.66 2.41
N THR E 3 -6.81 -3.29 1.13
CA THR E 3 -5.59 -3.51 0.36
C THR E 3 -5.18 -2.31 -0.48
N ALA E 4 -3.98 -2.38 -1.01
CA ALA E 4 -3.43 -1.33 -1.85
C ALA E 4 -2.40 -1.89 -2.81
N ARG E 5 -2.19 -1.17 -3.91
CA ARG E 5 -1.08 -1.47 -4.82
C ARG E 5 0.21 -0.96 -4.20
N SER E 7 4.22 0.25 -4.39
CA SER E 7 5.32 0.76 -5.21
C SER E 7 6.67 0.29 -4.66
N LYS F 1 -12.38 3.06 -15.51
CA LYS F 1 -13.42 4.06 -15.33
C LYS F 1 -13.43 4.56 -13.90
N GLN F 2 -13.84 5.81 -13.73
CA GLN F 2 -13.98 6.40 -12.41
C GLN F 2 -15.41 6.20 -11.96
N THR F 3 -15.61 5.36 -10.94
CA THR F 3 -16.95 5.13 -10.39
C THR F 3 -16.97 5.23 -8.87
N ALA F 4 -18.17 5.31 -8.32
CA ALA F 4 -18.34 5.32 -6.88
C ALA F 4 -19.72 4.82 -6.52
N ARG F 5 -19.87 4.34 -5.28
CA ARG F 5 -21.17 3.99 -4.76
C ARG F 5 -21.92 5.26 -4.40
N SER F 7 -25.12 7.11 -2.43
CA SER F 7 -26.08 6.97 -1.34
C SER F 7 -27.49 7.33 -1.82
#